data_5V6M
#
_entry.id   5V6M
#
_cell.length_a   62.846
_cell.length_b   83.870
_cell.length_c   90.610
_cell.angle_alpha   90.00
_cell.angle_beta   90.00
_cell.angle_gamma   90.00
#
_symmetry.space_group_name_H-M   'P 21 2 21'
#
loop_
_entity.id
_entity.type
_entity.pdbx_description
1 polymer 'Light chain of Fab fragment of rabbit anti-HIV1 gp120 V3 mAb 10A3'
2 polymer 'Heavy chain of Fab fragment of rabbit anti-HIV1 gp120 V3 mAb 10A3'
3 polymer 'Envelope glycoprotein gp120 V3 peptide of Con B sequence'
4 non-polymer 'CALCIUM ION'
5 water water
#
loop_
_entity_poly.entity_id
_entity_poly.type
_entity_poly.pdbx_seq_one_letter_code
_entity_poly.pdbx_strand_id
1 'polypeptide(L)'
;AQVLTQTPSSVSAAVGGTVTIKCQSSQSVYPNNNLGWYQQKPGQPPKLLIYEASTLASGVPSRFKGSGSGTQFTLTISDL
ECDDAATYYCLGAYDFTVAEGAAFGGGTEVVVKRTVAAPSVFIFPPSDEQLKSGTASVVCLLNNFYPREAKVQWKVDNAL
QSGNSQESVTEQDSKDSTYSLSSTLTLSKADYEKHKVYACEVTHQGLSSPVTKSFNRGE
;
L
2 'polypeptide(L)'
;QEQLEESGGGLVQPEGSLTLTCKASGFSFSAIAMCWVRQAPGKGLEWIGCIATDTGSTYYANWAKGRFTISNPSSTTVTL
QMTSLTAADTATYFCARNFYLWGPGTLVTVSSASTKGPSVFPLAPSSKSTSGGTAALGCLVKDYFPEPVTVSWNSGALTS
GVHTFPAVLQSSGLYSLSSVVTVPSSSLGTQTYICNVNHKPSNTKVDKKVEPK
;
H
3 'polypeptide(L)' NNTRKSIHIGPGRAF P
#
loop_
_chem_comp.id
_chem_comp.type
_chem_comp.name
_chem_comp.formula
CA non-polymer 'CALCIUM ION' 'Ca 2'
#
# COMPACT_ATOMS: atom_id res chain seq x y z
N ALA A 1 21.09 7.51 15.90
CA ALA A 1 22.24 6.92 16.59
C ALA A 1 21.92 5.54 17.18
N GLN A 2 20.65 5.28 17.52
CA GLN A 2 20.24 3.90 17.76
C GLN A 2 20.26 3.12 16.45
N VAL A 3 20.69 1.87 16.52
CA VAL A 3 20.73 1.01 15.33
C VAL A 3 20.03 -0.30 15.66
N LEU A 4 18.95 -0.59 14.94
CA LEU A 4 18.19 -1.82 15.13
C LEU A 4 18.17 -2.55 13.79
N THR A 5 18.94 -3.63 13.70
CA THR A 5 19.17 -4.33 12.44
C THR A 5 18.26 -5.55 12.34
N GLN A 6 17.33 -5.53 11.37
CA GLN A 6 16.35 -6.58 11.18
C GLN A 6 16.74 -7.45 9.99
N THR A 7 16.77 -8.77 10.18
CA THR A 7 17.13 -9.73 9.15
C THR A 7 16.18 -10.91 9.20
N PRO A 8 15.95 -11.60 8.06
CA PRO A 8 16.36 -11.23 6.71
C PRO A 8 15.46 -10.14 6.13
N SER A 9 15.81 -9.64 4.94
CA SER A 9 14.96 -8.66 4.28
C SER A 9 13.69 -9.31 3.73
N SER A 10 13.77 -10.57 3.32
CA SER A 10 12.61 -11.27 2.81
C SER A 10 12.75 -12.74 3.13
N VAL A 11 11.61 -13.43 3.24
CA VAL A 11 11.62 -14.87 3.46
C VAL A 11 10.33 -15.45 2.89
N SER A 12 10.43 -16.69 2.37
CA SER A 12 9.32 -17.42 1.79
C SER A 12 9.19 -18.77 2.48
N ALA A 13 7.95 -19.18 2.74
CA ALA A 13 7.68 -20.51 3.26
C ALA A 13 6.29 -20.92 2.83
N ALA A 14 6.05 -22.24 2.79
CA ALA A 14 4.74 -22.76 2.41
C ALA A 14 3.75 -22.66 3.57
N VAL A 15 2.46 -22.74 3.24
CA VAL A 15 1.44 -22.84 4.27
C VAL A 15 1.80 -23.96 5.24
N GLY A 16 1.69 -23.68 6.53
CA GLY A 16 2.06 -24.63 7.56
C GLY A 16 3.51 -24.59 7.98
N GLY A 17 4.36 -23.88 7.24
CA GLY A 17 5.76 -23.79 7.57
C GLY A 17 6.04 -22.76 8.66
N THR A 18 7.34 -22.53 8.91
CA THR A 18 7.78 -21.61 9.95
C THR A 18 8.72 -20.57 9.35
N VAL A 19 8.59 -19.33 9.83
CA VAL A 19 9.45 -18.23 9.42
C VAL A 19 10.10 -17.62 10.66
N THR A 20 11.40 -17.29 10.56
CA THR A 20 12.15 -16.74 11.68
C THR A 20 12.76 -15.40 11.32
N ILE A 21 12.49 -14.38 12.13
CA ILE A 21 12.93 -13.00 11.90
C ILE A 21 13.68 -12.54 13.14
N LYS A 22 14.84 -11.91 12.94
CA LYS A 22 15.64 -11.43 14.05
C LYS A 22 15.90 -9.93 13.97
N CYS A 23 15.99 -9.30 15.15
CA CYS A 23 16.45 -7.92 15.27
C CYS A 23 17.54 -7.85 16.31
N GLN A 24 18.65 -7.20 15.95
CA GLN A 24 19.77 -6.97 16.85
C GLN A 24 19.99 -5.47 17.01
N SER A 25 20.10 -5.03 18.26
CA SER A 25 20.24 -3.62 18.59
C SER A 25 21.67 -3.35 19.02
N SER A 26 22.24 -2.23 18.56
CA SER A 26 23.56 -1.83 19.06
C SER A 26 23.51 -1.53 20.56
N GLN A 27 22.50 -0.79 21.01
CA GLN A 27 22.30 -0.55 22.43
C GLN A 27 21.16 -1.41 22.98
N SER A 28 21.20 -1.67 24.27
CA SER A 28 20.12 -2.43 24.89
C SER A 28 18.84 -1.60 24.97
N VAL A 29 17.70 -2.22 24.66
CA VAL A 29 16.45 -1.53 24.91
C VAL A 29 16.25 -1.35 26.41
N TYR A 30 15.36 -0.44 26.77
CA TYR A 30 15.18 -0.08 28.17
C TYR A 30 13.70 0.04 28.53
N PRO A 31 13.20 -0.77 29.48
CA PRO A 31 13.89 -1.90 30.12
C PRO A 31 14.23 -3.02 29.12
N ASN A 32 14.86 -4.10 29.57
CA ASN A 32 15.44 -5.09 28.67
C ASN A 32 14.41 -5.80 27.80
N ASN A 33 13.12 -5.64 28.07
CA ASN A 33 12.08 -6.29 27.25
C ASN A 33 11.31 -5.31 26.37
N ASN A 34 11.77 -4.05 26.25
CA ASN A 34 10.96 -3.00 25.61
C ASN A 34 11.14 -3.06 24.10
N LEU A 35 10.49 -4.04 23.49
CA LEU A 35 10.53 -4.22 22.05
C LEU A 35 9.19 -4.75 21.57
N GLY A 36 8.75 -4.27 20.41
CA GLY A 36 7.50 -4.73 19.85
C GLY A 36 7.68 -5.26 18.44
N TRP A 37 6.75 -6.10 18.00
CA TRP A 37 6.73 -6.67 16.66
C TRP A 37 5.41 -6.30 16.00
N TYR A 38 5.48 -5.93 14.72
CA TYR A 38 4.34 -5.40 13.98
C TYR A 38 4.14 -6.17 12.68
N GLN A 39 2.88 -6.28 12.28
CA GLN A 39 2.51 -6.77 10.97
C GLN A 39 1.86 -5.63 10.20
N GLN A 40 2.26 -5.43 8.94
CA GLN A 40 1.67 -4.37 8.14
C GLN A 40 1.28 -4.89 6.76
N LYS A 41 0.05 -4.78 6.43
CA LYS A 41 -0.43 -5.05 5.08
C LYS A 41 -0.60 -3.74 4.31
N PRO A 42 -0.53 -3.78 2.98
CA PRO A 42 -0.47 -2.52 2.23
C PRO A 42 -1.70 -1.65 2.47
N GLY A 43 -1.46 -0.34 2.56
CA GLY A 43 -2.51 0.64 2.77
C GLY A 43 -3.08 0.70 4.18
N GLN A 44 -2.56 -0.08 5.11
CA GLN A 44 -3.02 -0.10 6.50
C GLN A 44 -1.93 0.38 7.43
N PRO A 45 -2.30 0.87 8.62
CA PRO A 45 -1.29 1.13 9.66
C PRO A 45 -0.66 -0.17 10.12
N PRO A 46 0.53 -0.12 10.71
CA PRO A 46 1.10 -1.35 11.29
C PRO A 46 0.24 -1.83 12.44
N LYS A 47 0.26 -3.13 12.66
CA LYS A 47 -0.57 -3.75 13.69
C LYS A 47 0.36 -4.40 14.71
N LEU A 48 0.22 -4.01 15.98
CA LEU A 48 1.02 -4.61 17.04
C LEU A 48 0.65 -6.08 17.23
N LEU A 49 1.65 -6.95 17.14
CA LEU A 49 1.50 -8.38 17.39
C LEU A 49 1.93 -8.77 18.79
N ILE A 50 3.07 -8.22 19.23
CA ILE A 50 3.74 -8.60 20.46
C ILE A 50 4.41 -7.35 21.01
N TYR A 51 4.30 -7.15 22.32
CA TYR A 51 5.02 -6.08 22.99
C TYR A 51 5.69 -6.66 24.23
N GLU A 52 6.54 -5.87 24.88
CA GLU A 52 7.33 -6.38 26.00
C GLU A 52 8.05 -7.67 25.62
N ALA A 53 8.51 -7.70 24.36
CA ALA A 53 9.29 -8.77 23.73
C ALA A 53 8.51 -10.06 23.49
N SER A 54 7.60 -10.42 24.39
CA SER A 54 6.96 -11.73 24.29
C SER A 54 5.48 -11.72 24.64
N THR A 55 4.90 -10.57 24.99
CA THR A 55 3.51 -10.50 25.37
C THR A 55 2.65 -10.36 24.12
N LEU A 56 1.64 -11.23 23.99
CA LEU A 56 0.73 -11.18 22.86
C LEU A 56 -0.24 -10.02 22.99
N ALA A 57 -0.41 -9.27 21.90
CA ALA A 57 -1.49 -8.31 21.86
C ALA A 57 -2.82 -9.03 21.69
N SER A 58 -3.90 -8.31 21.98
CA SER A 58 -5.23 -8.90 21.96
C SER A 58 -5.53 -9.57 20.62
N GLY A 59 -6.07 -10.79 20.68
CA GLY A 59 -6.54 -11.49 19.50
C GLY A 59 -5.47 -12.10 18.61
N VAL A 60 -4.21 -11.89 18.91
CA VAL A 60 -3.12 -12.39 18.05
C VAL A 60 -2.90 -13.87 18.32
N PRO A 61 -2.87 -14.71 17.29
CA PRO A 61 -2.75 -16.16 17.52
C PRO A 61 -1.40 -16.54 18.09
N SER A 62 -1.38 -17.71 18.74
CA SER A 62 -0.19 -18.14 19.48
C SER A 62 0.93 -18.62 18.56
N ARG A 63 0.67 -18.81 17.26
CA ARG A 63 1.76 -19.16 16.36
C ARG A 63 2.73 -18.00 16.15
N PHE A 64 2.39 -16.79 16.59
CA PHE A 64 3.33 -15.67 16.64
C PHE A 64 4.00 -15.70 18.01
N LYS A 65 5.31 -15.93 18.04
CA LYS A 65 6.03 -16.02 19.31
C LYS A 65 7.25 -15.11 19.29
N GLY A 66 7.31 -14.18 20.24
CA GLY A 66 8.46 -13.32 20.41
C GLY A 66 9.35 -13.83 21.53
N SER A 67 10.66 -13.65 21.36
CA SER A 67 11.62 -14.07 22.37
C SER A 67 12.82 -13.12 22.31
N GLY A 68 13.69 -13.24 23.31
CA GLY A 68 14.89 -12.45 23.38
C GLY A 68 14.81 -11.37 24.45
N SER A 69 15.91 -10.64 24.58
CA SER A 69 16.05 -9.68 25.65
C SER A 69 17.25 -8.78 25.35
N GLY A 70 17.16 -7.53 25.82
CA GLY A 70 18.30 -6.63 25.75
C GLY A 70 18.66 -6.15 24.36
N THR A 71 19.55 -6.87 23.66
CA THR A 71 19.98 -6.45 22.33
C THR A 71 19.67 -7.44 21.22
N GLN A 72 19.00 -8.55 21.53
CA GLN A 72 18.78 -9.62 20.56
C GLN A 72 17.37 -10.17 20.72
N PHE A 73 16.58 -10.09 19.66
CA PHE A 73 15.18 -10.50 19.70
C PHE A 73 14.84 -11.31 18.46
N THR A 74 13.81 -12.15 18.58
CA THR A 74 13.40 -13.05 17.51
C THR A 74 11.88 -13.11 17.46
N LEU A 75 11.32 -13.05 16.26
CA LEU A 75 9.92 -13.36 16.02
C LEU A 75 9.87 -14.66 15.22
N THR A 76 9.19 -15.65 15.74
CA THR A 76 9.00 -16.91 15.03
C THR A 76 7.53 -17.07 14.70
N ILE A 77 7.22 -17.19 13.41
CA ILE A 77 5.86 -17.40 12.93
C ILE A 77 5.78 -18.83 12.45
N SER A 78 5.03 -19.66 13.16
CA SER A 78 4.84 -21.05 12.78
C SER A 78 3.43 -21.23 12.21
N ASP A 79 3.17 -22.44 11.69
CA ASP A 79 1.88 -22.78 11.09
C ASP A 79 1.40 -21.68 10.13
N LEU A 80 2.29 -21.27 9.23
CA LEU A 80 2.04 -20.14 8.35
C LEU A 80 0.71 -20.28 7.62
N GLU A 81 0.02 -19.15 7.44
CA GLU A 81 -1.23 -19.05 6.72
C GLU A 81 -1.11 -18.04 5.60
N CYS A 82 -2.00 -18.16 4.60
CA CYS A 82 -2.02 -17.19 3.51
C CYS A 82 -2.11 -15.77 4.04
N ASP A 83 -2.90 -15.58 5.12
CA ASP A 83 -3.12 -14.25 5.69
C ASP A 83 -1.84 -13.64 6.27
N ASP A 84 -0.79 -14.44 6.46
CA ASP A 84 0.45 -13.90 7.02
C ASP A 84 1.31 -13.18 5.98
N ALA A 85 0.94 -13.23 4.70
CA ALA A 85 1.65 -12.47 3.68
C ALA A 85 1.58 -10.98 4.00
N ALA A 86 2.73 -10.40 4.37
CA ALA A 86 2.80 -9.04 4.89
C ALA A 86 4.25 -8.66 5.15
N THR A 87 4.46 -7.42 5.59
CA THR A 87 5.77 -6.97 6.02
C THR A 87 5.76 -6.81 7.54
N TYR A 88 6.81 -7.29 8.18
CA TYR A 88 6.90 -7.31 9.63
C TYR A 88 8.05 -6.42 10.07
N TYR A 89 7.85 -5.69 11.19
CA TYR A 89 8.84 -4.77 11.73
C TYR A 89 9.04 -5.01 13.22
N CYS A 90 10.29 -4.90 13.67
CA CYS A 90 10.54 -4.74 15.10
C CYS A 90 10.72 -3.26 15.43
N LEU A 91 10.40 -2.92 16.68
CA LEU A 91 10.56 -1.57 17.19
C LEU A 91 11.18 -1.67 18.57
N GLY A 92 12.28 -0.95 18.81
CA GLY A 92 12.92 -0.89 20.12
C GLY A 92 12.71 0.48 20.75
N ALA A 93 12.62 0.52 22.08
CA ALA A 93 12.60 1.77 22.82
C ALA A 93 13.71 1.78 23.86
N TYR A 94 14.26 2.96 24.12
CA TYR A 94 15.55 3.09 24.79
C TYR A 94 15.48 4.12 25.89
N ASP A 95 16.54 4.15 26.71
CA ASP A 95 16.68 5.17 27.74
C ASP A 95 16.83 6.50 27.05
N PHE A 96 15.76 7.31 27.02
CA PHE A 96 15.85 8.54 26.25
C PHE A 96 16.62 9.64 26.98
N THR A 97 16.97 9.41 28.26
CA THR A 97 17.78 10.39 28.97
C THR A 97 19.24 10.37 28.53
N VAL A 98 19.66 9.33 27.80
CA VAL A 98 21.05 9.21 27.36
C VAL A 98 21.16 8.98 25.85
N ALA A 99 20.05 8.72 25.16
CA ALA A 99 20.12 8.42 23.74
C ALA A 99 18.75 8.61 23.09
N GLU A 100 18.68 8.29 21.79
CA GLU A 100 17.43 8.35 21.01
C GLU A 100 16.40 7.39 21.59
N GLY A 101 15.13 7.85 21.62
CA GLY A 101 14.09 7.12 22.34
C GLY A 101 13.57 5.86 21.67
N ALA A 102 13.69 5.74 20.35
CA ALA A 102 13.11 4.60 19.67
C ALA A 102 13.72 4.42 18.30
N ALA A 103 13.55 3.22 17.74
CA ALA A 103 14.01 2.94 16.38
C ALA A 103 13.29 1.71 15.84
N PHE A 104 12.92 1.77 14.56
CA PHE A 104 12.38 0.60 13.86
C PHE A 104 13.48 -0.18 13.16
N GLY A 105 13.32 -1.50 13.12
CA GLY A 105 14.08 -2.30 12.19
C GLY A 105 13.63 -2.06 10.75
N GLY A 106 14.44 -2.57 9.82
CA GLY A 106 14.21 -2.28 8.40
C GLY A 106 13.07 -3.04 7.75
N GLY A 107 12.46 -4.00 8.44
CA GLY A 107 11.32 -4.73 7.93
C GLY A 107 11.71 -6.05 7.28
N THR A 108 10.75 -6.98 7.26
CA THR A 108 10.92 -8.29 6.63
C THR A 108 9.65 -8.60 5.84
N GLU A 109 9.81 -8.83 4.54
CA GLU A 109 8.68 -9.26 3.72
C GLU A 109 8.52 -10.77 3.83
N VAL A 110 7.30 -11.23 4.08
CA VAL A 110 6.98 -12.65 4.11
C VAL A 110 6.17 -12.97 2.87
N VAL A 111 6.67 -13.92 2.08
CA VAL A 111 5.99 -14.42 0.89
C VAL A 111 5.53 -15.84 1.15
N VAL A 112 4.27 -16.12 0.83
CA VAL A 112 3.70 -17.44 1.05
C VAL A 112 3.86 -18.24 -0.24
N LYS A 113 4.51 -19.40 -0.15
CA LYS A 113 4.64 -20.29 -1.29
C LYS A 113 3.37 -21.12 -1.46
N ARG A 114 3.04 -21.43 -2.71
CA ARG A 114 1.87 -22.23 -3.02
C ARG A 114 2.10 -22.90 -4.37
N THR A 115 1.11 -23.68 -4.80
CA THR A 115 1.24 -24.39 -6.07
C THR A 115 1.09 -23.42 -7.24
N VAL A 116 1.67 -23.80 -8.37
CA VAL A 116 1.56 -23.01 -9.59
C VAL A 116 0.09 -22.79 -9.94
N ALA A 117 -0.25 -21.55 -10.35
CA ALA A 117 -1.58 -21.23 -10.83
C ALA A 117 -1.47 -20.36 -12.07
N ALA A 118 -2.11 -20.80 -13.16
CA ALA A 118 -2.04 -20.09 -14.42
C ALA A 118 -2.89 -18.82 -14.37
N PRO A 119 -2.47 -17.76 -15.05
CA PRO A 119 -3.32 -16.57 -15.14
C PRO A 119 -4.42 -16.72 -16.18
N SER A 120 -5.57 -16.11 -15.87
CA SER A 120 -6.60 -15.83 -16.88
C SER A 120 -6.29 -14.47 -17.51
N VAL A 121 -6.23 -14.41 -18.84
CA VAL A 121 -5.76 -13.23 -19.56
C VAL A 121 -6.93 -12.56 -20.26
N PHE A 122 -6.95 -11.22 -20.21
CA PHE A 122 -7.98 -10.41 -20.87
C PHE A 122 -7.32 -9.20 -21.52
N ILE A 123 -7.88 -8.75 -22.63
CA ILE A 123 -7.35 -7.59 -23.35
C ILE A 123 -8.48 -6.58 -23.54
N PHE A 124 -8.15 -5.29 -23.39
CA PHE A 124 -9.12 -4.20 -23.44
C PHE A 124 -8.68 -3.18 -24.46
N PRO A 125 -9.51 -2.86 -25.45
CA PRO A 125 -9.17 -1.78 -26.38
C PRO A 125 -9.34 -0.43 -25.71
N PRO A 126 -8.78 0.63 -26.28
CA PRO A 126 -9.05 1.96 -25.74
C PRO A 126 -10.49 2.38 -26.00
N SER A 127 -11.03 3.16 -25.07
CA SER A 127 -12.38 3.68 -25.22
C SER A 127 -12.43 4.75 -26.31
N ASP A 128 -13.59 4.87 -26.96
CA ASP A 128 -13.77 5.95 -27.93
C ASP A 128 -13.57 7.31 -27.26
N GLU A 129 -14.03 7.45 -26.03
CA GLU A 129 -13.86 8.70 -25.28
C GLU A 129 -12.40 9.11 -25.20
N GLN A 130 -11.51 8.16 -24.86
CA GLN A 130 -10.09 8.51 -24.73
C GLN A 130 -9.48 8.86 -26.08
N LEU A 131 -9.88 8.16 -27.14
CA LEU A 131 -9.29 8.38 -28.45
C LEU A 131 -9.45 9.82 -28.90
N LYS A 132 -10.53 10.48 -28.50
CA LYS A 132 -10.77 11.87 -28.86
C LYS A 132 -9.65 12.79 -28.38
N SER A 133 -8.95 12.39 -27.31
CA SER A 133 -7.91 13.20 -26.71
C SER A 133 -6.54 12.95 -27.31
N GLY A 134 -6.43 12.10 -28.32
CA GLY A 134 -5.18 11.90 -29.02
C GLY A 134 -4.29 10.79 -28.49
N THR A 135 -4.70 10.10 -27.43
CA THR A 135 -3.92 9.03 -26.84
C THR A 135 -4.79 7.79 -26.72
N ALA A 136 -4.18 6.62 -26.89
CA ALA A 136 -4.86 5.34 -26.76
C ALA A 136 -4.14 4.49 -25.72
N SER A 137 -4.89 3.99 -24.75
CA SER A 137 -4.39 3.04 -23.77
C SER A 137 -4.99 1.67 -24.05
N VAL A 138 -4.13 0.66 -24.25
CA VAL A 138 -4.55 -0.73 -24.41
C VAL A 138 -4.10 -1.48 -23.17
N VAL A 139 -5.02 -2.22 -22.55
CA VAL A 139 -4.76 -2.84 -21.26
C VAL A 139 -4.86 -4.35 -21.37
N CYS A 140 -3.88 -5.03 -20.79
CA CYS A 140 -3.86 -6.48 -20.69
C CYS A 140 -3.84 -6.87 -19.23
N LEU A 141 -4.77 -7.74 -18.84
CA LEU A 141 -4.94 -8.18 -17.47
C LEU A 141 -4.51 -9.63 -17.35
N LEU A 142 -3.64 -9.92 -16.37
CA LEU A 142 -3.30 -11.28 -15.97
C LEU A 142 -3.83 -11.49 -14.57
N ASN A 143 -4.77 -12.41 -14.41
CA ASN A 143 -5.56 -12.48 -13.18
C ASN A 143 -5.28 -13.74 -12.38
N ASN A 144 -4.96 -13.56 -11.10
CA ASN A 144 -4.90 -14.60 -10.06
C ASN A 144 -3.94 -15.73 -10.44
N PHE A 145 -2.66 -15.39 -10.53
CA PHE A 145 -1.64 -16.37 -10.90
C PHE A 145 -0.56 -16.50 -9.83
N TYR A 146 0.20 -17.59 -9.93
CA TYR A 146 1.34 -17.84 -9.04
C TYR A 146 2.31 -18.76 -9.77
N PRO A 147 3.62 -18.50 -9.76
CA PRO A 147 4.32 -17.43 -9.03
C PRO A 147 4.27 -16.07 -9.71
N ARG A 148 4.95 -15.08 -9.11
CA ARG A 148 4.86 -13.70 -9.59
C ARG A 148 5.45 -13.52 -10.98
N GLU A 149 6.46 -14.33 -11.33
CA GLU A 149 7.17 -14.12 -12.58
C GLU A 149 6.26 -14.41 -13.77
N ALA A 150 6.22 -13.50 -14.73
CA ALA A 150 5.40 -13.63 -15.93
C ALA A 150 5.93 -12.66 -16.97
N LYS A 151 5.84 -13.07 -18.23
CA LYS A 151 6.33 -12.28 -19.36
C LYS A 151 5.16 -11.86 -20.22
N VAL A 152 5.00 -10.54 -20.41
CA VAL A 152 3.92 -9.98 -21.23
C VAL A 152 4.56 -9.31 -22.44
N GLN A 153 4.07 -9.64 -23.63
CA GLN A 153 4.60 -9.08 -24.86
C GLN A 153 3.45 -8.50 -25.66
N TRP A 154 3.61 -7.24 -26.06
CA TRP A 154 2.66 -6.59 -26.94
C TRP A 154 3.14 -6.71 -28.38
N LYS A 155 2.21 -7.05 -29.28
CA LYS A 155 2.46 -7.06 -30.71
C LYS A 155 1.35 -6.27 -31.39
N VAL A 156 1.75 -5.43 -32.35
CA VAL A 156 0.82 -4.56 -33.07
C VAL A 156 1.00 -4.88 -34.54
N ASP A 157 -0.04 -5.43 -35.18
CA ASP A 157 0.08 -6.06 -36.50
C ASP A 157 1.30 -6.98 -36.54
N ASN A 158 1.41 -7.81 -35.50
CA ASN A 158 2.48 -8.79 -35.28
C ASN A 158 3.86 -8.17 -35.04
N ALA A 159 3.95 -6.85 -34.91
CA ALA A 159 5.24 -6.22 -34.64
C ALA A 159 5.44 -6.09 -33.14
N LEU A 160 6.51 -6.68 -32.63
CA LEU A 160 6.82 -6.63 -31.21
C LEU A 160 7.01 -5.19 -30.76
N GLN A 161 6.31 -4.81 -29.69
CA GLN A 161 6.43 -3.48 -29.11
C GLN A 161 7.52 -3.45 -28.05
N SER A 162 8.15 -2.29 -27.89
CA SER A 162 9.10 -2.09 -26.81
C SER A 162 9.12 -0.61 -26.45
N GLY A 163 9.24 -0.32 -25.16
CA GLY A 163 9.37 1.05 -24.70
C GLY A 163 8.08 1.79 -24.44
N ASN A 164 6.91 1.21 -24.77
CA ASN A 164 5.65 1.93 -24.66
C ASN A 164 4.63 1.22 -23.77
N SER A 165 5.10 0.40 -22.82
CA SER A 165 4.21 -0.25 -21.87
C SER A 165 4.78 -0.17 -20.46
N GLN A 166 3.88 -0.23 -19.48
CA GLN A 166 4.23 -0.29 -18.06
C GLN A 166 3.33 -1.32 -17.38
N GLU A 167 3.88 -1.98 -16.37
CA GLU A 167 3.18 -3.01 -15.62
C GLU A 167 2.91 -2.54 -14.20
N SER A 168 1.81 -3.05 -13.64
CA SER A 168 1.50 -2.93 -12.22
C SER A 168 1.08 -4.29 -11.68
N VAL A 169 1.57 -4.64 -10.50
CA VAL A 169 1.28 -5.94 -9.90
C VAL A 169 0.66 -5.73 -8.53
N THR A 170 -0.35 -6.54 -8.22
CA THR A 170 -0.96 -6.45 -6.91
C THR A 170 -0.08 -7.11 -5.86
N GLU A 171 -0.37 -6.82 -4.61
CA GLU A 171 0.25 -7.56 -3.54
C GLU A 171 -0.31 -8.97 -3.47
N GLN A 172 0.48 -9.87 -2.90
CA GLN A 172 0.05 -11.25 -2.79
C GLN A 172 -1.29 -11.32 -2.08
N ASP A 173 -2.24 -12.02 -2.69
CA ASP A 173 -3.59 -12.08 -2.14
C ASP A 173 -3.60 -12.74 -0.77
N SER A 174 -4.31 -12.13 0.18
CA SER A 174 -4.33 -12.63 1.55
C SER A 174 -5.10 -13.95 1.68
N LYS A 175 -5.93 -14.30 0.72
CA LYS A 175 -6.74 -15.51 0.83
C LYS A 175 -6.26 -16.68 -0.02
N ASP A 176 -5.74 -16.43 -1.22
CA ASP A 176 -5.24 -17.53 -2.06
C ASP A 176 -3.78 -17.35 -2.48
N SER A 177 -3.08 -16.33 -1.98
CA SER A 177 -1.64 -16.14 -2.23
C SER A 177 -1.31 -15.92 -3.71
N THR A 178 -2.28 -15.54 -4.54
CA THR A 178 -1.96 -15.24 -5.93
C THR A 178 -1.67 -13.75 -6.12
N TYR A 179 -1.26 -13.44 -7.35
CA TYR A 179 -1.01 -12.10 -7.85
C TYR A 179 -1.91 -11.83 -9.05
N SER A 180 -2.17 -10.56 -9.30
CA SER A 180 -2.69 -10.13 -10.60
C SER A 180 -1.80 -9.01 -11.10
N LEU A 181 -1.81 -8.82 -12.42
CA LEU A 181 -0.89 -7.92 -13.09
C LEU A 181 -1.60 -7.24 -14.25
N SER A 182 -1.29 -5.95 -14.44
CA SER A 182 -1.79 -5.20 -15.59
C SER A 182 -0.61 -4.72 -16.40
N SER A 183 -0.71 -4.80 -17.72
CA SER A 183 0.25 -4.18 -18.62
C SER A 183 -0.54 -3.21 -19.49
N THR A 184 -0.12 -1.95 -19.50
CA THR A 184 -0.81 -0.90 -20.24
C THR A 184 0.10 -0.41 -21.35
N LEU A 185 -0.39 -0.52 -22.59
CA LEU A 185 0.29 -0.02 -23.78
C LEU A 185 -0.23 1.37 -24.09
N THR A 186 0.68 2.34 -24.27
CA THR A 186 0.29 3.73 -24.54
C THR A 186 0.73 4.12 -25.95
N LEU A 187 -0.22 4.55 -26.78
CA LEU A 187 0.01 4.94 -28.16
C LEU A 187 -0.73 6.23 -28.45
N SER A 188 -0.21 7.01 -29.40
CA SER A 188 -0.98 8.15 -29.88
C SER A 188 -2.17 7.65 -30.69
N LYS A 189 -3.22 8.48 -30.75
CA LYS A 189 -4.37 8.18 -31.60
C LYS A 189 -3.93 7.94 -33.04
N ALA A 190 -3.01 8.76 -33.54
CA ALA A 190 -2.51 8.58 -34.91
C ALA A 190 -1.93 7.19 -35.11
N ASP A 191 -0.97 6.80 -34.26
CA ASP A 191 -0.35 5.49 -34.38
C ASP A 191 -1.36 4.37 -34.17
N TYR A 192 -2.27 4.54 -33.21
CA TYR A 192 -3.26 3.51 -32.94
C TYR A 192 -4.11 3.22 -34.18
N GLU A 193 -4.51 4.28 -34.89
CA GLU A 193 -5.34 4.15 -36.09
C GLU A 193 -4.55 3.77 -37.33
N LYS A 194 -3.27 3.44 -37.20
CA LYS A 194 -2.47 2.92 -38.31
C LYS A 194 -2.45 1.40 -38.37
N HIS A 195 -3.00 0.71 -37.38
CA HIS A 195 -2.82 -0.73 -37.26
C HIS A 195 -4.13 -1.39 -36.89
N LYS A 196 -4.22 -2.68 -37.20
CA LYS A 196 -5.47 -3.43 -36.99
C LYS A 196 -5.41 -4.38 -35.81
N VAL A 197 -4.37 -5.21 -35.72
CA VAL A 197 -4.33 -6.31 -34.75
C VAL A 197 -3.52 -5.89 -33.54
N TYR A 198 -4.17 -5.88 -32.38
CA TYR A 198 -3.53 -5.60 -31.09
C TYR A 198 -3.57 -6.87 -30.26
N ALA A 199 -2.40 -7.34 -29.84
CA ALA A 199 -2.31 -8.63 -29.16
C ALA A 199 -1.45 -8.53 -27.92
N CYS A 200 -1.89 -9.20 -26.86
CA CYS A 200 -1.13 -9.38 -25.63
C CYS A 200 -0.77 -10.86 -25.55
N GLU A 201 0.53 -11.16 -25.46
CA GLU A 201 1.00 -12.54 -25.37
C GLU A 201 1.65 -12.79 -24.01
N VAL A 202 1.16 -13.79 -23.29
CA VAL A 202 1.53 -14.04 -21.90
C VAL A 202 2.21 -15.38 -21.80
N THR A 203 3.41 -15.39 -21.24
CA THR A 203 4.14 -16.61 -20.93
C THR A 203 4.22 -16.75 -19.43
N HIS A 204 3.82 -17.92 -18.92
CA HIS A 204 3.84 -18.13 -17.47
C HIS A 204 3.98 -19.62 -17.19
N GLN A 205 4.66 -19.93 -16.07
CA GLN A 205 4.93 -21.31 -15.70
C GLN A 205 3.66 -22.17 -15.68
N GLY A 206 2.52 -21.58 -15.37
CA GLY A 206 1.27 -22.32 -15.26
C GLY A 206 0.54 -22.57 -16.55
N LEU A 207 1.00 -22.00 -17.65
CA LEU A 207 0.36 -22.16 -18.95
C LEU A 207 1.07 -23.27 -19.70
N SER A 208 0.30 -24.11 -20.39
CA SER A 208 0.96 -25.15 -21.17
C SER A 208 1.68 -24.58 -22.40
N SER A 209 1.42 -23.33 -22.75
CA SER A 209 2.05 -22.61 -23.86
C SER A 209 1.62 -21.14 -23.77
N PRO A 210 2.29 -20.24 -24.49
CA PRO A 210 1.93 -18.82 -24.37
C PRO A 210 0.48 -18.58 -24.79
N VAL A 211 -0.21 -17.74 -24.02
CA VAL A 211 -1.60 -17.38 -24.28
C VAL A 211 -1.63 -15.99 -24.93
N THR A 212 -2.40 -15.85 -26.00
CA THR A 212 -2.53 -14.58 -26.71
C THR A 212 -3.99 -14.15 -26.69
N LYS A 213 -4.24 -12.93 -26.25
CA LYS A 213 -5.54 -12.28 -26.37
C LYS A 213 -5.40 -11.13 -27.36
N SER A 214 -6.39 -11.00 -28.27
CA SER A 214 -6.26 -10.10 -29.41
C SER A 214 -7.59 -9.39 -29.68
N PHE A 215 -7.50 -8.26 -30.38
CA PHE A 215 -8.69 -7.63 -30.94
C PHE A 215 -8.31 -6.86 -32.19
N ASN A 216 -9.27 -6.74 -33.10
CA ASN A 216 -9.10 -5.93 -34.31
C ASN A 216 -9.70 -4.57 -34.08
N ARG A 217 -8.89 -3.52 -34.29
CA ARG A 217 -9.37 -2.16 -34.06
C ARG A 217 -10.58 -1.86 -34.91
N GLY A 218 -11.72 -1.61 -34.25
CA GLY A 218 -12.95 -1.32 -34.95
C GLY A 218 -14.09 -2.26 -34.60
N GLU A 219 -13.82 -3.57 -34.67
CA GLU A 219 -14.81 -4.57 -34.32
C GLU A 219 -15.01 -4.65 -32.80
N GLN B 1 -13.98 1.42 20.48
CA GLN B 1 -14.42 2.76 20.84
C GLN B 1 -13.27 3.80 20.74
N GLU B 2 -12.08 3.46 21.22
CA GLU B 2 -10.94 4.38 21.11
C GLU B 2 -10.36 4.36 19.70
N GLN B 3 -10.18 5.55 19.12
CA GLN B 3 -9.63 5.73 17.78
C GLN B 3 -8.75 6.97 17.72
N LEU B 4 -7.85 6.99 16.74
CA LEU B 4 -7.07 8.16 16.37
C LEU B 4 -7.27 8.46 14.90
N GLU B 5 -7.23 9.75 14.55
CA GLU B 5 -7.37 10.15 13.16
C GLU B 5 -6.45 11.31 12.86
N GLU B 6 -5.60 11.15 11.83
CA GLU B 6 -4.72 12.21 11.37
C GLU B 6 -5.42 13.08 10.32
N SER B 7 -5.11 14.37 10.34
CA SER B 7 -5.63 15.29 9.34
C SER B 7 -4.56 16.33 9.03
N GLY B 8 -4.81 17.12 7.99
CA GLY B 8 -3.90 18.19 7.64
C GLY B 8 -2.89 17.86 6.56
N GLY B 9 -2.85 16.64 6.06
CA GLY B 9 -1.93 16.30 5.01
C GLY B 9 -2.35 16.91 3.68
N GLY B 10 -1.53 16.65 2.67
CA GLY B 10 -1.82 17.13 1.33
C GLY B 10 -0.56 17.53 0.63
N LEU B 11 -0.74 18.23 -0.49
CA LEU B 11 0.35 18.67 -1.34
C LEU B 11 0.91 19.99 -0.84
N VAL B 12 2.24 20.09 -0.75
CA VAL B 12 2.90 21.28 -0.25
C VAL B 12 4.17 21.54 -1.06
N GLN B 13 4.50 22.81 -1.23
CA GLN B 13 5.66 23.21 -2.03
C GLN B 13 6.97 22.87 -1.32
N PRO B 14 8.02 22.55 -2.07
CA PRO B 14 9.35 22.40 -1.46
C PRO B 14 9.71 23.63 -0.65
N GLU B 15 10.37 23.39 0.49
CA GLU B 15 10.77 24.38 1.48
C GLU B 15 9.58 24.92 2.27
N GLY B 16 8.36 24.44 2.01
CA GLY B 16 7.21 24.89 2.75
C GLY B 16 7.08 24.22 4.11
N SER B 17 6.01 24.60 4.81
CA SER B 17 5.68 24.04 6.11
C SER B 17 4.27 23.46 6.07
N LEU B 18 4.00 22.54 6.99
CA LEU B 18 2.70 21.90 7.12
C LEU B 18 2.52 21.47 8.57
N THR B 19 1.31 21.59 9.10
CA THR B 19 1.01 21.09 10.44
C THR B 19 -0.05 20.01 10.35
N LEU B 20 0.27 18.83 10.88
CA LEU B 20 -0.67 17.73 10.96
C LEU B 20 -1.31 17.71 12.34
N THR B 21 -2.54 17.24 12.40
CA THR B 21 -3.27 17.09 13.66
C THR B 21 -3.68 15.63 13.83
N CYS B 22 -3.58 15.14 15.06
CA CYS B 22 -4.02 13.81 15.44
C CYS B 22 -5.15 13.95 16.46
N LYS B 23 -6.33 13.46 16.13
CA LYS B 23 -7.53 13.66 16.94
C LYS B 23 -7.96 12.35 17.58
N ALA B 24 -8.07 12.35 18.91
CA ALA B 24 -8.52 11.16 19.63
C ALA B 24 -10.03 11.16 19.75
N SER B 25 -10.62 9.96 19.65
CA SER B 25 -12.05 9.73 19.84
C SER B 25 -12.25 8.60 20.82
N GLY B 26 -13.30 8.72 21.63
CA GLY B 26 -13.62 7.67 22.58
C GLY B 26 -12.77 7.67 23.83
N PHE B 27 -11.86 8.63 23.96
CA PHE B 27 -11.03 8.77 25.15
C PHE B 27 -10.38 10.15 25.08
N SER B 28 -9.77 10.54 26.19
CA SER B 28 -8.94 11.73 26.27
C SER B 28 -7.62 11.35 26.95
N PHE B 29 -6.59 12.16 26.71
CA PHE B 29 -5.24 11.80 27.15
C PHE B 29 -5.10 11.91 28.67
N SER B 30 -4.39 10.94 29.24
CA SER B 30 -4.14 10.87 30.67
C SER B 30 -2.74 10.28 30.86
N ALA B 31 -1.73 11.16 30.78
CA ALA B 31 -0.33 10.84 31.04
C ALA B 31 0.17 9.67 30.18
N ILE B 32 0.07 9.86 28.86
CA ILE B 32 0.44 8.84 27.87
C ILE B 32 1.46 9.44 26.89
N ALA B 33 2.06 8.55 26.09
CA ALA B 33 2.99 8.95 25.02
C ALA B 33 2.24 8.93 23.69
N MET B 34 2.04 10.10 23.09
CA MET B 34 1.48 10.20 21.75
C MET B 34 2.64 10.38 20.77
N CYS B 35 2.69 9.53 19.73
CA CYS B 35 3.87 9.43 18.90
C CYS B 35 3.52 9.64 17.44
N TRP B 36 4.52 10.10 16.67
CA TRP B 36 4.39 10.26 15.22
C TRP B 36 5.42 9.37 14.54
N VAL B 37 4.95 8.63 13.54
CA VAL B 37 5.75 7.71 12.74
C VAL B 37 5.41 7.98 11.28
N ARG B 38 6.39 7.89 10.39
CA ARG B 38 6.10 8.10 8.98
C ARG B 38 6.65 6.95 8.14
N GLN B 39 6.20 6.91 6.89
CA GLN B 39 6.56 5.83 5.97
C GLN B 39 6.56 6.40 4.56
N ALA B 40 7.74 6.53 3.96
CA ALA B 40 7.80 6.97 2.58
C ALA B 40 7.20 5.88 1.67
N PRO B 41 6.64 6.28 0.50
CA PRO B 41 6.01 5.28 -0.39
C PRO B 41 6.93 4.10 -0.68
N GLY B 42 6.46 2.90 -0.39
CA GLY B 42 7.22 1.67 -0.61
C GLY B 42 8.37 1.41 0.34
N LYS B 43 8.49 2.17 1.42
CA LYS B 43 9.64 2.08 2.32
C LYS B 43 9.18 1.64 3.72
N GLY B 44 10.13 1.64 4.67
CA GLY B 44 9.85 1.16 6.02
C GLY B 44 9.34 2.26 6.94
N LEU B 45 8.94 1.83 8.14
CA LEU B 45 8.49 2.76 9.17
C LEU B 45 9.68 3.54 9.72
N GLU B 46 9.46 4.82 10.03
CA GLU B 46 10.52 5.66 10.57
C GLU B 46 9.95 6.52 11.69
N TRP B 47 10.55 6.42 12.88
CA TRP B 47 10.08 7.18 14.03
C TRP B 47 10.43 8.66 13.89
N ILE B 48 9.49 9.52 14.27
CA ILE B 48 9.73 10.96 14.30
C ILE B 48 9.92 11.43 15.74
N GLY B 49 8.93 11.18 16.59
CA GLY B 49 9.07 11.57 17.98
C GLY B 49 7.82 11.27 18.76
N CYS B 50 7.89 11.50 20.07
CA CYS B 50 6.75 11.33 20.95
C CYS B 50 6.64 12.55 21.88
N ILE B 51 5.43 12.77 22.39
CA ILE B 51 5.19 13.77 23.42
C ILE B 51 4.48 13.09 24.59
N ALA B 52 4.86 13.47 25.81
CA ALA B 52 4.17 13.05 27.02
C ALA B 52 3.04 14.04 27.29
N THR B 53 1.79 13.57 27.28
CA THR B 53 0.66 14.49 27.27
C THR B 53 0.46 15.20 28.59
N ASP B 54 0.99 14.68 29.70
CA ASP B 54 0.82 15.42 30.95
C ASP B 54 1.88 16.51 31.12
N THR B 55 3.13 16.25 30.74
CA THR B 55 4.20 17.22 30.95
C THR B 55 4.50 18.08 29.73
N GLY B 56 4.08 17.65 28.55
CA GLY B 56 4.50 18.31 27.33
C GLY B 56 5.93 18.02 26.93
N SER B 57 6.62 17.14 27.65
CA SER B 57 8.00 16.78 27.30
C SER B 57 8.03 16.01 25.98
N THR B 58 9.07 16.23 25.20
CA THR B 58 9.16 15.68 23.86
C THR B 58 10.47 14.94 23.67
N TYR B 59 10.43 13.95 22.78
CA TYR B 59 11.55 13.04 22.53
C TYR B 59 11.53 12.77 21.04
N TYR B 60 12.61 13.13 20.35
CA TYR B 60 12.67 13.04 18.90
C TYR B 60 13.80 12.11 18.44
N ALA B 61 13.62 11.59 17.23
CA ALA B 61 14.73 10.99 16.49
C ALA B 61 15.74 12.07 16.15
N ASN B 62 17.02 11.71 16.20
CA ASN B 62 18.08 12.69 15.95
C ASN B 62 17.87 13.40 14.61
N TRP B 63 17.46 12.67 13.57
CA TRP B 63 17.28 13.30 12.27
C TRP B 63 16.18 14.34 12.26
N ALA B 64 15.22 14.26 13.18
CA ALA B 64 14.03 15.11 13.14
C ALA B 64 14.11 16.32 14.04
N LYS B 65 15.06 16.39 14.97
CA LYS B 65 15.08 17.49 15.92
C LYS B 65 15.18 18.85 15.24
N GLY B 66 14.43 19.80 15.74
CA GLY B 66 14.46 21.16 15.21
C GLY B 66 13.46 21.39 14.10
N ARG B 67 13.44 20.49 13.11
CA ARG B 67 12.59 20.65 11.94
C ARG B 67 11.15 20.20 12.20
N PHE B 68 10.96 19.25 13.11
CA PHE B 68 9.64 18.74 13.44
C PHE B 68 9.33 19.09 14.89
N THR B 69 8.16 19.67 15.13
CA THR B 69 7.73 20.02 16.49
C THR B 69 6.41 19.33 16.78
N ILE B 70 6.38 18.52 17.83
CA ILE B 70 5.16 17.88 18.32
C ILE B 70 4.65 18.69 19.50
N SER B 71 3.36 19.04 19.47
CA SER B 71 2.73 19.81 20.55
C SER B 71 1.45 19.11 20.96
N ASN B 72 0.89 19.54 22.10
CA ASN B 72 -0.31 18.90 22.66
C ASN B 72 -1.28 19.99 23.06
N PRO B 73 -2.01 20.56 22.09
CA PRO B 73 -2.86 21.73 22.39
C PRO B 73 -4.15 21.42 23.12
N SER B 74 -4.61 20.16 23.14
CA SER B 74 -5.86 19.88 23.83
C SER B 74 -5.83 18.46 24.35
N SER B 75 -6.80 18.14 25.22
CA SER B 75 -6.88 16.81 25.81
C SER B 75 -7.17 15.72 24.79
N THR B 76 -7.47 16.08 23.55
CA THR B 76 -7.75 15.10 22.51
C THR B 76 -6.98 15.38 21.21
N THR B 77 -5.98 16.28 21.22
CA THR B 77 -5.21 16.52 20.00
C THR B 77 -3.73 16.65 20.29
N VAL B 78 -2.93 16.09 19.38
CA VAL B 78 -1.53 16.45 19.25
C VAL B 78 -1.31 16.90 17.81
N THR B 79 -0.29 17.71 17.62
CA THR B 79 0.03 18.25 16.30
C THR B 79 1.49 17.94 15.98
N LEU B 80 1.78 17.91 14.68
CA LEU B 80 3.14 17.76 14.18
C LEU B 80 3.36 18.89 13.18
N GLN B 81 4.17 19.87 13.56
CA GLN B 81 4.54 20.96 12.68
C GLN B 81 5.86 20.62 12.01
N MET B 82 5.91 20.71 10.68
CA MET B 82 7.09 20.31 9.93
C MET B 82 7.49 21.45 9.02
N THR B 83 8.78 21.78 9.00
CA THR B 83 9.30 22.91 8.24
C THR B 83 10.37 22.48 7.25
N SER B 84 10.72 23.41 6.37
CA SER B 84 11.73 23.23 5.32
C SER B 84 11.57 21.88 4.63
N LEU B 85 10.35 21.64 4.15
CA LEU B 85 10.00 20.34 3.63
C LEU B 85 10.67 20.07 2.28
N THR B 86 10.94 18.79 2.06
CA THR B 86 11.72 18.31 0.94
C THR B 86 11.03 17.05 0.41
N ALA B 87 11.36 16.66 -0.83
CA ALA B 87 10.84 15.41 -1.37
C ALA B 87 11.10 14.23 -0.45
N ALA B 88 12.21 14.24 0.29
CA ALA B 88 12.49 13.16 1.23
C ALA B 88 11.45 13.08 2.34
N ASP B 89 10.64 14.12 2.52
CA ASP B 89 9.59 14.14 3.52
C ASP B 89 8.24 13.63 3.01
N THR B 90 8.11 13.38 1.71
CA THR B 90 6.90 12.76 1.17
C THR B 90 6.71 11.38 1.79
N ALA B 91 5.55 11.16 2.40
CA ALA B 91 5.34 9.98 3.23
C ALA B 91 3.92 9.99 3.77
N THR B 92 3.46 8.82 4.20
CA THR B 92 2.29 8.74 5.06
C THR B 92 2.74 8.98 6.50
N TYR B 93 2.02 9.86 7.19
CA TYR B 93 2.31 10.20 8.58
C TYR B 93 1.25 9.58 9.46
N PHE B 94 1.69 8.81 10.46
CA PHE B 94 0.81 8.12 11.40
C PHE B 94 1.00 8.72 12.78
N CYS B 95 -0.08 8.85 13.55
CA CYS B 95 0.06 9.07 14.97
C CYS B 95 -0.35 7.81 15.72
N ALA B 96 0.23 7.63 16.91
CA ALA B 96 0.00 6.41 17.66
C ALA B 96 0.07 6.70 19.15
N ARG B 97 -0.82 6.07 19.92
CA ARG B 97 -0.72 6.10 21.38
C ARG B 97 0.16 4.94 21.82
N ASN B 98 1.31 5.26 22.38
CA ASN B 98 2.26 4.26 22.88
C ASN B 98 2.50 3.13 21.88
N PHE B 99 2.47 3.47 20.60
CA PHE B 99 2.79 2.55 19.53
C PHE B 99 1.85 1.36 19.46
N TYR B 100 0.67 1.43 20.09
CA TYR B 100 -0.26 0.31 19.95
C TYR B 100 -1.61 0.67 19.36
N LEU B 101 -2.08 1.90 19.54
CA LEU B 101 -3.29 2.39 18.88
C LEU B 101 -2.85 3.36 17.79
N TRP B 102 -3.23 3.08 16.55
CA TRP B 102 -2.74 3.78 15.37
C TRP B 102 -3.87 4.42 14.59
N GLY B 103 -3.64 5.62 14.08
CA GLY B 103 -4.51 6.21 13.09
C GLY B 103 -4.28 5.54 11.74
N PRO B 104 -5.15 5.80 10.76
CA PRO B 104 -4.97 5.22 9.42
C PRO B 104 -3.87 5.88 8.61
N GLY B 105 -3.38 7.04 9.03
CA GLY B 105 -2.33 7.76 8.34
C GLY B 105 -2.88 8.87 7.44
N THR B 106 -2.03 9.85 7.17
CA THR B 106 -2.37 10.85 6.18
C THR B 106 -1.14 11.15 5.32
N LEU B 107 -1.39 11.31 4.02
CA LEU B 107 -0.33 11.46 3.04
C LEU B 107 0.10 12.92 2.92
N VAL B 108 1.40 13.15 3.03
CA VAL B 108 2.01 14.44 2.70
C VAL B 108 2.86 14.25 1.46
N THR B 109 2.67 15.13 0.48
CA THR B 109 3.42 15.07 -0.78
C THR B 109 4.11 16.42 -0.98
N VAL B 110 5.43 16.40 -1.09
CA VAL B 110 6.21 17.63 -1.21
C VAL B 110 6.64 17.76 -2.66
N SER B 111 6.02 18.68 -3.39
CA SER B 111 6.25 18.79 -4.83
C SER B 111 5.78 20.16 -5.31
N SER B 112 6.40 20.64 -6.38
CA SER B 112 5.92 21.84 -7.06
C SER B 112 4.89 21.52 -8.15
N ALA B 113 4.62 20.24 -8.41
CA ALA B 113 3.68 19.88 -9.47
C ALA B 113 2.25 20.28 -9.09
N SER B 114 1.42 20.51 -10.10
CA SER B 114 0.05 20.92 -9.89
C SER B 114 -0.85 19.76 -9.49
N THR B 115 -1.88 20.09 -8.72
CA THR B 115 -2.99 19.17 -8.53
C THR B 115 -3.72 18.99 -9.86
N LYS B 116 -4.07 17.74 -10.18
CA LYS B 116 -4.75 17.42 -11.42
C LYS B 116 -5.67 16.23 -11.21
N GLY B 117 -6.94 16.38 -11.55
CA GLY B 117 -7.91 15.32 -11.42
C GLY B 117 -7.83 14.32 -12.57
N PRO B 118 -8.21 13.07 -12.32
CA PRO B 118 -8.06 12.02 -13.34
C PRO B 118 -9.15 12.07 -14.40
N SER B 119 -8.86 11.42 -15.52
CA SER B 119 -9.89 11.01 -16.46
C SER B 119 -10.21 9.55 -16.17
N VAL B 120 -11.46 9.16 -16.38
CA VAL B 120 -11.89 7.80 -16.10
C VAL B 120 -12.43 7.19 -17.39
N PHE B 121 -11.86 6.06 -17.80
CA PHE B 121 -12.26 5.40 -19.03
C PHE B 121 -12.70 3.98 -18.74
N PRO B 122 -13.66 3.46 -19.49
CA PRO B 122 -14.09 2.07 -19.28
C PRO B 122 -13.13 1.08 -19.90
N LEU B 123 -12.92 -0.04 -19.20
CA LEU B 123 -12.32 -1.24 -19.75
C LEU B 123 -13.47 -2.22 -20.01
N ALA B 124 -13.94 -2.25 -21.27
CA ALA B 124 -15.20 -2.91 -21.57
C ALA B 124 -15.04 -4.43 -21.66
N PRO B 125 -16.06 -5.18 -21.24
CA PRO B 125 -16.03 -6.64 -21.39
C PRO B 125 -15.91 -7.04 -22.85
N SER B 126 -15.16 -8.12 -23.08
CA SER B 126 -14.92 -8.60 -24.43
C SER B 126 -16.18 -9.25 -25.02
N SER B 127 -16.45 -8.95 -26.29
CA SER B 127 -17.53 -9.61 -27.01
C SER B 127 -17.23 -11.08 -27.28
N LYS B 128 -15.96 -11.48 -27.27
CA LYS B 128 -15.55 -12.87 -27.36
C LYS B 128 -15.60 -13.59 -26.02
N SER B 129 -16.39 -13.10 -25.06
CA SER B 129 -16.47 -13.72 -23.75
C SER B 129 -17.06 -15.12 -23.85
N THR B 130 -16.38 -16.09 -23.25
CA THR B 130 -16.88 -17.47 -23.21
C THR B 130 -18.12 -17.54 -22.31
N SER B 131 -19.24 -18.00 -22.88
CA SER B 131 -20.55 -17.77 -22.28
C SER B 131 -20.75 -18.49 -20.95
N GLY B 132 -20.21 -19.69 -20.81
CA GLY B 132 -20.34 -20.41 -19.54
C GLY B 132 -19.15 -20.15 -18.65
N GLY B 133 -18.42 -19.07 -18.95
CA GLY B 133 -17.22 -18.73 -18.23
C GLY B 133 -17.25 -17.34 -17.62
N THR B 134 -16.06 -16.78 -17.42
CA THR B 134 -15.88 -15.53 -16.70
C THR B 134 -15.50 -14.42 -17.67
N ALA B 135 -16.02 -13.23 -17.41
CA ALA B 135 -15.63 -12.03 -18.14
C ALA B 135 -14.97 -11.05 -17.18
N ALA B 136 -14.11 -10.19 -17.75
CA ALA B 136 -13.47 -9.14 -16.99
C ALA B 136 -13.91 -7.78 -17.53
N LEU B 137 -14.02 -6.82 -16.64
CA LEU B 137 -14.27 -5.43 -17.00
C LEU B 137 -13.59 -4.55 -15.97
N GLY B 138 -13.50 -3.25 -16.25
CA GLY B 138 -12.78 -2.38 -15.34
C GLY B 138 -12.87 -0.91 -15.68
N CYS B 139 -12.04 -0.13 -15.00
CA CYS B 139 -11.95 1.32 -15.20
C CYS B 139 -10.49 1.75 -15.19
N LEU B 140 -10.12 2.59 -16.16
CA LEU B 140 -8.79 3.16 -16.25
C LEU B 140 -8.84 4.58 -15.72
N VAL B 141 -8.11 4.83 -14.63
CA VAL B 141 -8.07 6.12 -13.94
C VAL B 141 -6.75 6.78 -14.32
N LYS B 142 -6.78 7.72 -15.26
CA LYS B 142 -5.56 8.17 -15.93
C LYS B 142 -5.26 9.65 -15.67
N ASP B 143 -3.98 9.92 -15.40
CA ASP B 143 -3.38 11.25 -15.42
C ASP B 143 -3.83 12.12 -14.25
N TYR B 144 -3.44 11.74 -13.04
CA TYR B 144 -3.80 12.52 -11.85
C TYR B 144 -2.57 12.75 -11.00
N PHE B 145 -2.69 13.74 -10.10
CA PHE B 145 -1.64 14.06 -9.15
C PHE B 145 -2.27 14.91 -8.06
N PRO B 146 -1.91 14.72 -6.78
CA PRO B 146 -1.03 13.68 -6.24
C PRO B 146 -1.80 12.40 -5.94
N GLU B 147 -1.13 11.41 -5.33
CA GLU B 147 -1.83 10.31 -4.70
C GLU B 147 -2.70 10.85 -3.57
N PRO B 148 -3.76 10.11 -3.17
CA PRO B 148 -4.25 8.84 -3.69
C PRO B 148 -5.58 8.96 -4.42
N VAL B 149 -6.00 7.89 -5.10
CA VAL B 149 -7.37 7.76 -5.58
C VAL B 149 -7.93 6.48 -4.98
N THR B 150 -9.25 6.43 -4.81
CA THR B 150 -9.94 5.21 -4.42
C THR B 150 -10.92 4.82 -5.51
N VAL B 151 -11.22 3.52 -5.59
CA VAL B 151 -12.17 2.99 -6.55
C VAL B 151 -13.04 1.97 -5.82
N SER B 152 -14.36 2.08 -5.96
CA SER B 152 -15.27 1.02 -5.55
C SER B 152 -16.15 0.65 -6.73
N TRP B 153 -16.88 -0.46 -6.59
CA TRP B 153 -17.76 -0.92 -7.65
C TRP B 153 -19.18 -1.06 -7.15
N ASN B 154 -20.13 -0.63 -7.97
CA ASN B 154 -21.55 -0.63 -7.60
C ASN B 154 -21.72 -0.08 -6.19
N SER B 155 -20.99 1.00 -5.91
CA SER B 155 -21.05 1.77 -4.66
C SER B 155 -20.66 0.94 -3.45
N GLY B 156 -19.88 -0.12 -3.65
CA GLY B 156 -19.46 -0.99 -2.56
C GLY B 156 -20.19 -2.31 -2.50
N ALA B 157 -21.25 -2.49 -3.30
CA ALA B 157 -22.00 -3.74 -3.31
C ALA B 157 -21.24 -4.88 -3.97
N LEU B 158 -20.19 -4.57 -4.74
CA LEU B 158 -19.41 -5.57 -5.49
C LEU B 158 -17.96 -5.48 -5.06
N THR B 159 -17.47 -6.52 -4.37
CA THR B 159 -16.08 -6.54 -3.93
C THR B 159 -15.35 -7.81 -4.36
N SER B 160 -16.09 -8.91 -4.48
CA SER B 160 -15.48 -10.17 -4.84
C SER B 160 -14.92 -10.09 -6.26
N GLY B 161 -13.66 -10.46 -6.42
CA GLY B 161 -13.02 -10.41 -7.72
C GLY B 161 -12.50 -9.05 -8.13
N VAL B 162 -12.48 -8.09 -7.22
CA VAL B 162 -12.00 -6.73 -7.52
C VAL B 162 -10.50 -6.64 -7.29
N HIS B 163 -9.80 -6.05 -8.25
CA HIS B 163 -8.37 -5.76 -8.13
C HIS B 163 -8.15 -4.33 -8.55
N THR B 164 -7.73 -3.49 -7.62
CA THR B 164 -7.31 -2.13 -7.95
C THR B 164 -5.80 -2.09 -7.84
N PHE B 165 -5.15 -1.87 -8.97
CA PHE B 165 -3.71 -1.99 -9.04
C PHE B 165 -3.02 -0.79 -8.38
N PRO B 166 -1.81 -0.98 -7.85
CA PRO B 166 -0.97 0.16 -7.47
C PRO B 166 -0.82 1.14 -8.62
N ALA B 167 -0.84 2.43 -8.30
CA ALA B 167 -0.67 3.44 -9.33
C ALA B 167 0.73 3.34 -9.90
N VAL B 168 0.87 3.76 -11.15
CA VAL B 168 2.15 3.85 -11.84
C VAL B 168 2.43 5.31 -12.17
N LEU B 169 3.64 5.77 -11.88
CA LEU B 169 4.06 7.12 -12.20
C LEU B 169 4.55 7.15 -13.64
N GLN B 170 3.90 7.94 -14.48
CA GLN B 170 4.32 8.06 -15.87
C GLN B 170 5.47 9.07 -16.01
N SER B 171 6.14 9.02 -17.17
CA SER B 171 7.24 9.95 -17.38
C SER B 171 6.76 11.40 -17.30
N SER B 172 5.50 11.64 -17.66
CA SER B 172 4.87 12.96 -17.50
C SER B 172 4.87 13.44 -16.06
N GLY B 173 5.06 12.57 -15.09
CA GLY B 173 4.91 12.93 -13.69
C GLY B 173 3.52 12.73 -13.14
N LEU B 174 2.57 12.27 -13.96
CA LEU B 174 1.21 11.99 -13.53
C LEU B 174 1.03 10.50 -13.28
N TYR B 175 0.16 10.17 -12.33
CA TYR B 175 -0.16 8.79 -12.02
C TYR B 175 -1.30 8.29 -12.88
N SER B 176 -1.34 6.96 -13.06
CA SER B 176 -2.53 6.30 -13.57
C SER B 176 -2.63 4.94 -12.91
N LEU B 177 -3.86 4.43 -12.84
CA LEU B 177 -4.07 3.07 -12.37
C LEU B 177 -5.29 2.49 -13.05
N SER B 178 -5.44 1.17 -12.94
CA SER B 178 -6.63 0.48 -13.40
C SER B 178 -7.24 -0.29 -12.24
N SER B 179 -8.56 -0.39 -12.26
CA SER B 179 -9.31 -1.22 -11.31
C SER B 179 -10.18 -2.14 -12.14
N VAL B 180 -10.19 -3.43 -11.81
CA VAL B 180 -10.83 -4.45 -12.62
C VAL B 180 -11.64 -5.37 -11.72
N VAL B 181 -12.58 -6.10 -12.32
CA VAL B 181 -13.40 -7.06 -11.60
C VAL B 181 -13.82 -8.15 -12.58
N THR B 182 -13.91 -9.39 -12.08
CA THR B 182 -14.32 -10.52 -12.89
C THR B 182 -15.73 -10.95 -12.52
N VAL B 183 -16.55 -11.24 -13.52
CA VAL B 183 -17.96 -11.58 -13.33
C VAL B 183 -18.35 -12.68 -14.31
N PRO B 184 -19.40 -13.43 -13.99
CA PRO B 184 -19.91 -14.44 -14.95
C PRO B 184 -20.28 -13.81 -16.28
N SER B 185 -19.73 -14.39 -17.36
CA SER B 185 -19.95 -13.84 -18.70
C SER B 185 -21.44 -13.74 -19.04
N SER B 186 -22.30 -14.52 -18.39
CA SER B 186 -23.74 -14.42 -18.59
C SER B 186 -24.41 -13.41 -17.66
N SER B 187 -23.65 -12.65 -16.87
CA SER B 187 -24.22 -11.54 -16.11
C SER B 187 -24.03 -10.21 -16.81
N LEU B 188 -23.43 -10.21 -18.00
CA LEU B 188 -23.09 -8.95 -18.68
C LEU B 188 -24.35 -8.20 -19.12
N GLY B 189 -25.21 -8.86 -19.89
CA GLY B 189 -26.37 -8.19 -20.45
C GLY B 189 -27.50 -7.91 -19.47
N THR B 190 -27.45 -8.47 -18.26
CA THR B 190 -28.53 -8.33 -17.30
C THR B 190 -28.18 -7.49 -16.08
N GLN B 191 -26.90 -7.27 -15.81
CA GLN B 191 -26.44 -6.62 -14.60
C GLN B 191 -25.68 -5.34 -14.95
N THR B 192 -25.75 -4.36 -14.05
CA THR B 192 -25.12 -3.06 -14.25
C THR B 192 -23.90 -2.93 -13.35
N TYR B 193 -22.78 -2.49 -13.93
CA TYR B 193 -21.51 -2.34 -13.22
C TYR B 193 -21.02 -0.90 -13.36
N ILE B 194 -20.76 -0.26 -12.22
CA ILE B 194 -20.33 1.13 -12.16
C ILE B 194 -19.13 1.22 -11.22
N CYS B 195 -18.03 1.80 -11.70
CA CYS B 195 -16.90 2.09 -10.84
C CYS B 195 -17.01 3.50 -10.26
N ASN B 196 -16.82 3.61 -8.95
CA ASN B 196 -16.92 4.87 -8.22
C ASN B 196 -15.51 5.33 -7.88
N VAL B 197 -15.01 6.31 -8.62
CA VAL B 197 -13.65 6.83 -8.49
C VAL B 197 -13.69 8.11 -7.67
N ASN B 198 -12.81 8.21 -6.68
CA ASN B 198 -12.71 9.42 -5.86
C ASN B 198 -11.26 9.85 -5.79
N HIS B 199 -10.96 11.04 -6.32
CA HIS B 199 -9.66 11.69 -6.16
C HIS B 199 -9.91 12.91 -5.27
N LYS B 200 -9.94 12.68 -3.97
CA LYS B 200 -10.18 13.76 -3.02
C LYS B 200 -9.22 14.94 -3.17
N PRO B 201 -7.92 14.74 -3.45
CA PRO B 201 -7.03 15.89 -3.57
C PRO B 201 -7.45 16.93 -4.61
N SER B 202 -8.14 16.54 -5.67
CA SER B 202 -8.64 17.48 -6.68
C SER B 202 -10.13 17.71 -6.60
N ASN B 203 -10.79 17.15 -5.58
CA ASN B 203 -12.24 17.28 -5.40
C ASN B 203 -13.00 16.61 -6.56
N THR B 204 -12.48 15.47 -7.04
CA THR B 204 -13.04 14.80 -8.19
C THR B 204 -13.74 13.51 -7.77
N LYS B 205 -15.02 13.41 -8.11
CA LYS B 205 -15.80 12.18 -7.98
C LYS B 205 -16.37 11.83 -9.35
N VAL B 206 -16.15 10.60 -9.79
CA VAL B 206 -16.66 10.13 -11.07
C VAL B 206 -17.24 8.74 -10.88
N ASP B 207 -18.44 8.53 -11.41
CA ASP B 207 -19.06 7.21 -11.50
C ASP B 207 -19.14 6.86 -12.97
N LYS B 208 -18.43 5.82 -13.38
CA LYS B 208 -18.44 5.40 -14.77
C LYS B 208 -19.16 4.08 -14.90
N LYS B 209 -20.10 4.01 -15.83
CA LYS B 209 -20.84 2.81 -16.16
C LYS B 209 -20.07 2.03 -17.23
N VAL B 210 -19.81 0.77 -16.97
CA VAL B 210 -19.03 -0.07 -17.88
C VAL B 210 -19.97 -1.09 -18.50
N GLU B 211 -20.03 -1.11 -19.83
CA GLU B 211 -20.94 -1.94 -20.59
C GLU B 211 -20.23 -2.47 -21.81
N PRO B 212 -20.71 -3.58 -22.39
CA PRO B 212 -20.16 -4.02 -23.67
C PRO B 212 -20.47 -3.02 -24.78
N LYS B 213 -19.59 -2.98 -25.78
CA LYS B 213 -19.75 -2.06 -26.90
C LYS B 213 -20.32 -2.79 -28.12
N THR C 3 11.52 8.55 38.14
CA THR C 3 11.23 9.41 36.99
C THR C 3 11.30 8.63 35.68
N ARG C 4 10.69 9.20 34.65
CA ARG C 4 10.55 8.50 33.37
C ARG C 4 11.90 8.38 32.66
N LYS C 5 12.16 7.19 32.13
CA LYS C 5 13.37 6.93 31.36
C LYS C 5 13.13 6.39 29.95
N SER C 6 11.95 5.85 29.66
CA SER C 6 11.71 5.31 28.32
C SER C 6 10.20 5.25 28.07
N ILE C 7 9.86 5.14 26.78
CA ILE C 7 8.47 5.04 26.33
C ILE C 7 8.09 3.56 26.29
N HIS C 8 6.98 3.22 26.91
CA HIS C 8 6.57 1.82 26.96
C HIS C 8 5.90 1.44 25.64
N ILE C 9 6.49 0.50 24.92
CA ILE C 9 5.83 -0.03 23.72
C ILE C 9 4.69 -0.95 24.15
N GLY C 10 3.46 -0.59 23.80
CA GLY C 10 2.34 -1.46 24.01
C GLY C 10 1.36 -0.89 25.01
N PRO C 11 0.23 -1.56 25.19
CA PRO C 11 -0.78 -1.08 26.14
C PRO C 11 -0.31 -1.26 27.58
N GLY C 12 -1.00 -0.55 28.48
CA GLY C 12 -0.65 -0.58 29.88
C GLY C 12 -0.03 0.72 30.36
N ARG C 13 1.03 0.62 31.15
CA ARG C 13 1.78 1.80 31.55
C ARG C 13 2.35 2.50 30.31
N ALA C 14 2.43 3.82 30.38
CA ALA C 14 2.95 4.59 29.24
C ALA C 14 4.45 4.79 29.29
N PHE C 15 5.08 4.65 30.47
CA PHE C 15 6.52 4.89 30.60
C PHE C 15 7.19 3.86 31.51
CA CA D . 13.21 4.62 13.05
#